data_5KU9
#
_entry.id   5KU9
#
_cell.length_a   84.381
_cell.length_b   60.647
_cell.length_c   69.087
_cell.angle_alpha   90.00
_cell.angle_beta   121.15
_cell.angle_gamma   90.00
#
_symmetry.space_group_name_H-M   'C 1 2 1'
#
loop_
_entity.id
_entity.type
_entity.pdbx_description
1 polymer 'Induced myeloid leukemia cell differentiation protein Mcl-1'
2 non-polymer 'SODIUM ION'
3 non-polymer (3~{S})-3-azanyl-4-(4-bromophenyl)-~{N}-[(3~{S})-1-[2-[[(2~{R})-1-(3,4-dichlorophenyl)-4-(methylamino)-4-oxidanylidene-butan-2-yl]amino]-2-oxidanylidene-ethyl]-2-oxidanylidene-4,5-dihydro-3~{H}-1-benzazepin-3-yl]butanamide
4 water water
#
_entity_poly.entity_id   1
_entity_poly.type   'polypeptide(L)'
_entity_poly.pdbx_seq_one_letter_code
;GPLGSEDDLYRQSLEIISRYLREQATGSKDSKPLGEAGAAGRRALETLRRVGDGVQRNHETAFQGMLRKLDIKNEDDVKS
LSRVMIHVFSDGVTNWGRIVTLISFGAFVAKHLKTINQESCIEPLAESITDVLVRTKRDWLVKQRGWDGFVEFFHVEDLE
GG
;
_entity_poly.pdbx_strand_id   A,B
#
loop_
_chem_comp.id
_chem_comp.type
_chem_comp.name
_chem_comp.formula
6XJ non-polymer (3~{S})-3-azanyl-4-(4-bromophenyl)-~{N}-[(3~{S})-1-[2-[[(2~{R})-1-(3,4-dichlorophenyl)-4-(methylamino)-4-oxidanylidene-butan-2-yl]amino]-2-oxidanylidene-ethyl]-2-oxidanylidene-4,5-dihydro-3~{H}-1-benzazepin-3-yl]butanamide 'C33 H36 Br Cl2 N5 O4'
NA non-polymer 'SODIUM ION' 'Na 1'
#
# COMPACT_ATOMS: atom_id res chain seq x y z
N ASP A 7 -19.68 15.45 19.88
CA ASP A 7 -18.71 14.44 20.29
C ASP A 7 -17.30 14.90 19.86
N ASP A 8 -16.66 15.77 20.69
CA ASP A 8 -15.32 16.34 20.42
C ASP A 8 -14.22 15.28 20.29
N LEU A 9 -14.22 14.25 21.17
CA LEU A 9 -13.28 13.14 21.14
C LEU A 9 -13.38 12.39 19.81
N TYR A 10 -14.60 12.15 19.33
CA TYR A 10 -14.81 11.49 18.05
C TYR A 10 -14.18 12.30 16.89
N ARG A 11 -14.57 13.58 16.77
CA ARG A 11 -14.13 14.49 15.70
C ARG A 11 -12.61 14.67 15.67
N GLN A 12 -12.00 14.82 16.83
CA GLN A 12 -10.55 14.96 16.96
C GLN A 12 -9.82 13.64 16.57
N SER A 13 -10.31 12.50 17.06
CA SER A 13 -9.77 11.18 16.73
C SER A 13 -9.88 10.88 15.21
N LEU A 14 -11.00 11.27 14.61
CA LEU A 14 -11.28 11.08 13.18
C LEU A 14 -10.34 11.91 12.33
N GLU A 15 -10.08 13.16 12.75
CA GLU A 15 -9.16 14.06 12.03
C GLU A 15 -7.75 13.46 11.97
N ILE A 16 -7.26 12.92 13.09
CA ILE A 16 -5.91 12.33 13.18
C ILE A 16 -5.87 11.01 12.43
N ILE A 17 -6.86 10.14 12.64
CA ILE A 17 -6.87 8.82 12.00
C ILE A 17 -7.02 8.94 10.47
N SER A 18 -7.94 9.79 10.05
CA SER A 18 -8.20 10.04 8.65
C SER A 18 -6.98 10.64 7.94
N ARG A 19 -6.33 11.66 8.54
CA ARG A 19 -5.10 12.24 7.96
C ARG A 19 -4.00 11.19 7.85
N TYR A 20 -3.85 10.36 8.88
CA TYR A 20 -2.83 9.32 8.84
C TYR A 20 -3.08 8.27 7.76
N LEU A 21 -4.31 7.75 7.63
CA LEU A 21 -4.65 6.72 6.65
C LEU A 21 -4.52 7.22 5.19
N ARG A 22 -4.95 8.47 4.89
CA ARG A 22 -4.79 9.01 3.53
C ARG A 22 -3.32 9.33 3.20
N GLU A 23 -2.55 9.85 4.17
CA GLU A 23 -1.12 10.10 4.03
C GLU A 23 -0.42 8.75 3.67
N GLN A 24 -0.77 7.69 4.41
CA GLN A 24 -0.24 6.33 4.21
C GLN A 24 -0.62 5.77 2.85
N ALA A 25 -1.87 5.95 2.46
CA ALA A 25 -2.38 5.48 1.15
C ALA A 25 -1.73 6.20 -0.02
N THR A 26 -1.58 7.53 0.05
CA THR A 26 -1.05 8.31 -1.10
C THR A 26 0.47 8.50 -1.12
N GLY A 27 1.09 8.49 0.07
CA GLY A 27 2.51 8.75 0.23
C GLY A 27 2.84 10.23 0.38
N SER A 28 1.80 11.11 0.31
CA SER A 28 1.92 12.58 0.43
C SER A 28 1.46 13.07 1.81
N LYS A 29 2.38 13.76 2.54
CA LYS A 29 2.18 14.34 3.89
C LYS A 29 1.68 15.79 3.82
N LYS A 32 -2.79 21.56 5.64
CA LYS A 32 -1.65 21.16 6.46
C LYS A 32 -1.91 21.30 8.00
N PRO A 33 -2.40 22.44 8.56
CA PRO A 33 -2.62 22.48 10.02
C PRO A 33 -3.90 21.74 10.44
N LEU A 34 -3.87 21.04 11.60
CA LEU A 34 -5.03 20.33 12.14
C LEU A 34 -5.97 21.35 12.84
N GLY A 35 -7.02 21.74 12.10
CA GLY A 35 -8.01 22.72 12.53
C GLY A 35 -8.70 22.51 13.86
N GLU A 36 -8.72 21.26 14.34
CA GLU A 36 -9.34 20.90 15.61
C GLU A 36 -8.31 20.60 16.70
N ALA A 37 -7.32 19.75 16.41
CA ALA A 37 -6.31 19.36 17.40
C ALA A 37 -5.16 20.36 17.59
N GLY A 38 -4.93 21.25 16.61
CA GLY A 38 -3.88 22.26 16.65
C GLY A 38 -2.46 21.73 16.61
N ALA A 39 -1.48 22.52 17.12
CA ALA A 39 -0.04 22.18 17.21
C ALA A 39 0.21 20.89 17.98
N ALA A 40 -0.71 20.55 18.90
CA ALA A 40 -0.71 19.33 19.71
C ALA A 40 -1.05 18.09 18.87
N GLY A 41 -2.08 18.19 18.02
CA GLY A 41 -2.52 17.12 17.14
C GLY A 41 -1.53 16.84 16.04
N ARG A 42 -0.68 17.85 15.72
CA ARG A 42 0.43 17.73 14.78
C ARG A 42 1.46 16.78 15.43
N ARG A 43 1.65 16.91 16.75
CA ARG A 43 2.53 16.03 17.49
C ARG A 43 1.92 14.64 17.55
N ALA A 44 0.59 14.54 17.65
CA ALA A 44 -0.09 13.23 17.68
C ALA A 44 0.14 12.52 16.33
N LEU A 45 -0.04 13.27 15.22
CA LEU A 45 0.13 12.77 13.87
C LEU A 45 1.61 12.32 13.64
N GLU A 46 2.59 13.13 14.08
CA GLU A 46 4.02 12.83 14.00
C GLU A 46 4.36 11.59 14.84
N THR A 47 3.74 11.47 16.00
CA THR A 47 3.90 10.29 16.87
C THR A 47 3.27 9.04 16.17
N LEU A 48 2.08 9.19 15.58
CA LEU A 48 1.45 8.09 14.84
C LEU A 48 2.32 7.61 13.71
N ARG A 49 2.93 8.50 12.91
CA ARG A 49 3.82 8.05 11.83
C ARG A 49 5.00 7.21 12.35
N ARG A 50 5.77 7.73 13.32
CA ARG A 50 6.90 7.03 13.91
C ARG A 50 6.50 5.67 14.52
N VAL A 51 5.51 5.64 15.42
CA VAL A 51 5.20 4.36 16.06
C VAL A 51 4.35 3.43 15.13
N GLY A 52 3.46 4.01 14.33
CA GLY A 52 2.61 3.24 13.41
C GLY A 52 3.37 2.57 12.29
N ASP A 53 4.49 3.16 11.86
CA ASP A 53 5.32 2.58 10.80
C ASP A 53 6.13 1.39 11.32
N GLY A 54 6.52 1.44 12.61
CA GLY A 54 7.20 0.35 13.28
C GLY A 54 6.25 -0.80 13.53
N VAL A 55 4.98 -0.48 13.88
CA VAL A 55 3.94 -1.50 14.11
C VAL A 55 3.60 -2.21 12.80
N GLN A 56 3.45 -1.46 11.70
CA GLN A 56 3.11 -2.04 10.40
C GLN A 56 4.15 -3.04 9.94
N ARG A 57 5.46 -2.69 10.05
CA ARG A 57 6.55 -3.60 9.66
C ARG A 57 6.53 -4.84 10.56
N ASN A 58 6.33 -4.66 11.86
CA ASN A 58 6.33 -5.74 12.84
C ASN A 58 5.18 -6.73 12.62
N HIS A 59 3.99 -6.25 12.25
CA HIS A 59 2.83 -7.13 12.04
C HIS A 59 2.49 -7.37 10.56
N GLU A 60 3.42 -7.04 9.63
CA GLU A 60 3.16 -7.19 8.18
C GLU A 60 2.66 -8.58 7.76
N THR A 61 3.27 -9.66 8.23
CA THR A 61 2.83 -11.02 7.89
C THR A 61 1.40 -11.23 8.43
N ALA A 62 1.14 -10.84 9.70
CA ALA A 62 -0.20 -10.94 10.31
C ALA A 62 -1.25 -10.10 9.52
N PHE A 63 -0.92 -8.83 9.17
CA PHE A 63 -1.78 -7.95 8.36
C PHE A 63 -2.08 -8.53 7.00
N GLN A 64 -1.04 -9.03 6.30
CA GLN A 64 -1.19 -9.69 4.99
C GLN A 64 -2.13 -10.88 5.10
N GLY A 65 -1.94 -11.67 6.16
CA GLY A 65 -2.75 -12.84 6.48
C GLY A 65 -4.20 -12.48 6.67
N MET A 66 -4.46 -11.42 7.44
CA MET A 66 -5.83 -10.91 7.64
C MET A 66 -6.48 -10.44 6.33
N LEU A 67 -5.79 -9.58 5.55
CA LEU A 67 -6.24 -9.04 4.25
C LEU A 67 -6.60 -10.16 3.27
N ARG A 68 -5.81 -11.25 3.23
CA ARG A 68 -6.04 -12.42 2.38
C ARG A 68 -7.39 -13.09 2.70
N LYS A 69 -7.70 -13.30 4.00
CA LYS A 69 -8.94 -13.95 4.45
C LYS A 69 -10.16 -13.06 4.27
N LEU A 70 -9.97 -11.73 4.32
CA LEU A 70 -11.03 -10.73 4.23
C LEU A 70 -11.54 -10.45 2.82
N ASP A 71 -10.65 -10.45 1.80
CA ASP A 71 -10.97 -10.19 0.38
C ASP A 71 -11.75 -8.85 0.14
N ILE A 72 -11.25 -7.75 0.75
CA ILE A 72 -11.79 -6.37 0.73
C ILE A 72 -11.75 -5.81 -0.69
N LYS A 73 -12.93 -5.57 -1.30
CA LYS A 73 -13.03 -5.11 -2.69
C LYS A 73 -13.77 -3.78 -2.89
N ASN A 74 -14.72 -3.48 -1.99
CA ASN A 74 -15.59 -2.31 -2.11
C ASN A 74 -15.95 -1.74 -0.73
N GLU A 75 -16.82 -0.70 -0.69
CA GLU A 75 -17.30 -0.04 0.52
C GLU A 75 -18.04 -0.99 1.47
N ASP A 76 -18.87 -1.89 0.91
CA ASP A 76 -19.65 -2.88 1.67
C ASP A 76 -18.73 -3.75 2.50
N ASP A 77 -17.64 -4.26 1.89
CA ASP A 77 -16.58 -5.04 2.54
C ASP A 77 -15.90 -4.22 3.65
N VAL A 78 -15.58 -2.95 3.36
CA VAL A 78 -14.96 -2.02 4.31
C VAL A 78 -15.85 -1.82 5.54
N LYS A 79 -17.19 -1.62 5.35
CA LYS A 79 -18.16 -1.46 6.44
C LYS A 79 -18.33 -2.75 7.26
N SER A 80 -18.03 -3.91 6.65
CA SER A 80 -18.10 -5.18 7.35
C SER A 80 -16.82 -5.43 8.19
N LEU A 81 -15.78 -4.56 8.05
CA LEU A 81 -14.52 -4.70 8.79
C LEU A 81 -14.72 -4.42 10.27
N SER A 82 -15.82 -3.76 10.64
CA SER A 82 -16.15 -3.42 12.03
C SER A 82 -16.24 -4.65 12.97
N ARG A 83 -16.73 -5.81 12.43
CA ARG A 83 -16.89 -7.08 13.16
C ARG A 83 -15.52 -7.67 13.55
N VAL A 84 -14.52 -7.45 12.68
CA VAL A 84 -13.14 -7.88 12.85
C VAL A 84 -12.39 -6.96 13.86
N MET A 85 -12.44 -5.65 13.63
CA MET A 85 -11.79 -4.60 14.41
C MET A 85 -12.06 -4.66 15.91
N ILE A 86 -13.30 -4.98 16.33
CA ILE A 86 -13.61 -5.04 17.78
C ILE A 86 -12.77 -6.09 18.52
N HIS A 87 -12.28 -7.10 17.78
CA HIS A 87 -11.47 -8.16 18.34
C HIS A 87 -10.04 -7.71 18.67
N VAL A 88 -9.63 -6.46 18.33
CA VAL A 88 -8.33 -5.97 18.79
C VAL A 88 -8.42 -5.75 20.32
N PHE A 89 -9.66 -5.66 20.87
CA PHE A 89 -9.87 -5.43 22.29
C PHE A 89 -10.63 -6.55 23.01
N SER A 90 -10.99 -7.64 22.30
CA SER A 90 -11.84 -8.67 22.88
C SER A 90 -11.17 -9.56 23.95
N ASP A 91 -9.83 -9.44 24.16
CA ASP A 91 -9.18 -10.21 25.23
C ASP A 91 -9.19 -9.44 26.55
N GLY A 92 -9.92 -8.32 26.58
CA GLY A 92 -10.04 -7.49 27.77
C GLY A 92 -8.89 -6.54 28.01
N VAL A 93 -7.93 -6.50 27.08
CA VAL A 93 -6.73 -5.63 27.12
C VAL A 93 -6.98 -4.34 26.36
N THR A 94 -6.59 -3.22 26.98
CA THR A 94 -6.67 -1.89 26.40
C THR A 94 -5.40 -1.14 26.73
N ASN A 95 -4.70 -0.70 25.72
CA ASN A 95 -3.51 0.11 25.92
C ASN A 95 -3.23 0.78 24.60
N TRP A 96 -2.29 1.72 24.58
CA TRP A 96 -1.98 2.44 23.36
C TRP A 96 -1.39 1.54 22.31
N GLY A 97 -0.64 0.52 22.72
CA GLY A 97 -0.06 -0.46 21.80
C GLY A 97 -1.15 -1.06 20.91
N ARG A 98 -2.25 -1.55 21.52
CA ARG A 98 -3.44 -2.11 20.81
C ARG A 98 -4.09 -1.12 19.90
N ILE A 99 -4.22 0.11 20.38
CA ILE A 99 -4.84 1.21 19.66
C ILE A 99 -4.05 1.53 18.40
N VAL A 100 -2.69 1.58 18.50
CA VAL A 100 -1.84 1.81 17.32
C VAL A 100 -1.93 0.60 16.37
N THR A 101 -2.01 -0.64 16.91
CA THR A 101 -2.13 -1.82 16.06
C THR A 101 -3.42 -1.72 15.23
N LEU A 102 -4.54 -1.31 15.85
CA LEU A 102 -5.80 -1.10 15.11
C LEU A 102 -5.63 -0.03 13.98
N ILE A 103 -5.03 1.11 14.31
CA ILE A 103 -4.83 2.23 13.34
C ILE A 103 -3.87 1.80 12.20
N SER A 104 -2.79 1.06 12.52
CA SER A 104 -1.81 0.53 11.55
C SER A 104 -2.48 -0.50 10.65
N PHE A 105 -3.43 -1.27 11.17
CA PHE A 105 -4.17 -2.19 10.30
C PHE A 105 -5.03 -1.35 9.35
N GLY A 106 -5.61 -0.25 9.86
CA GLY A 106 -6.36 0.67 9.01
C GLY A 106 -5.49 1.27 7.91
N ALA A 107 -4.25 1.66 8.25
CA ALA A 107 -3.31 2.24 7.27
C ALA A 107 -2.89 1.17 6.22
N PHE A 108 -2.79 -0.09 6.69
CA PHE A 108 -2.49 -1.25 5.84
C PHE A 108 -3.64 -1.48 4.85
N VAL A 109 -4.92 -1.42 5.34
CA VAL A 109 -6.12 -1.55 4.48
C VAL A 109 -6.22 -0.36 3.50
N ALA A 110 -6.00 0.87 3.99
CA ALA A 110 -6.02 2.11 3.21
C ALA A 110 -5.06 2.03 2.02
N LYS A 111 -3.81 1.52 2.20
CA LYS A 111 -2.84 1.34 1.09
C LYS A 111 -3.37 0.34 0.08
N HIS A 112 -3.96 -0.75 0.56
CA HIS A 112 -4.55 -1.79 -0.29
C HIS A 112 -5.72 -1.20 -1.09
N LEU A 113 -6.58 -0.42 -0.43
CA LEU A 113 -7.71 0.25 -1.08
C LEU A 113 -7.22 1.20 -2.18
N LYS A 114 -6.16 1.98 -1.92
CA LYS A 114 -5.63 2.87 -2.95
C LYS A 114 -5.05 2.04 -4.12
N THR A 115 -4.37 0.92 -3.83
CA THR A 115 -3.84 0.04 -4.89
C THR A 115 -4.96 -0.52 -5.80
N ILE A 116 -6.09 -1.02 -5.24
CA ILE A 116 -7.17 -1.62 -6.06
C ILE A 116 -8.21 -0.57 -6.56
N ASN A 117 -7.85 0.72 -6.52
CA ASN A 117 -8.67 1.84 -6.99
C ASN A 117 -9.95 2.05 -6.23
N GLN A 118 -9.88 1.92 -4.91
CA GLN A 118 -11.03 2.12 -4.05
C GLN A 118 -10.74 3.20 -2.99
N GLU A 119 -10.02 4.25 -3.39
CA GLU A 119 -9.65 5.41 -2.59
C GLU A 119 -10.86 6.01 -1.86
N SER A 120 -12.07 5.97 -2.50
CA SER A 120 -13.31 6.49 -1.92
C SER A 120 -13.67 5.79 -0.61
N CYS A 121 -13.21 4.52 -0.42
CA CYS A 121 -13.45 3.73 0.81
C CYS A 121 -12.54 4.10 1.95
N ILE A 122 -11.51 4.95 1.75
CA ILE A 122 -10.59 5.28 2.84
C ILE A 122 -11.28 6.12 3.96
N GLU A 123 -12.09 7.08 3.61
CA GLU A 123 -12.82 7.89 4.58
C GLU A 123 -13.83 7.03 5.39
N PRO A 124 -14.72 6.18 4.78
CA PRO A 124 -15.57 5.29 5.59
C PRO A 124 -14.76 4.33 6.48
N LEU A 125 -13.52 3.96 6.06
CA LEU A 125 -12.59 3.12 6.81
C LEU A 125 -12.12 3.87 8.04
N ALA A 126 -11.68 5.12 7.85
CA ALA A 126 -11.23 5.97 8.98
C ALA A 126 -12.39 6.17 9.98
N GLU A 127 -13.61 6.37 9.46
CA GLU A 127 -14.81 6.51 10.29
C GLU A 127 -15.11 5.26 11.11
N SER A 128 -15.07 4.04 10.49
CA SER A 128 -15.33 2.80 11.24
C SER A 128 -14.21 2.49 12.26
N ILE A 129 -12.94 2.86 11.96
CA ILE A 129 -11.86 2.70 12.95
C ILE A 129 -12.11 3.64 14.14
N THR A 130 -12.43 4.91 13.87
CA THR A 130 -12.69 5.90 14.93
C THR A 130 -13.91 5.51 15.76
N ASP A 131 -14.98 5.01 15.09
CA ASP A 131 -16.18 4.55 15.77
C ASP A 131 -15.89 3.42 16.75
N VAL A 132 -15.15 2.37 16.31
CA VAL A 132 -14.76 1.22 17.15
C VAL A 132 -13.94 1.73 18.36
N LEU A 133 -12.93 2.55 18.08
CA LEU A 133 -12.08 3.11 19.09
C LEU A 133 -12.85 3.95 20.13
N VAL A 134 -13.55 5.02 19.66
CA VAL A 134 -14.24 5.97 20.54
C VAL A 134 -15.53 5.41 21.16
N ARG A 135 -16.34 4.67 20.39
CA ARG A 135 -17.58 4.15 20.94
C ARG A 135 -17.33 2.99 21.90
N THR A 136 -16.29 2.18 21.70
CA THR A 136 -16.12 1.09 22.66
C THR A 136 -15.08 1.44 23.78
N LYS A 137 -14.12 2.36 23.55
CA LYS A 137 -13.12 2.65 24.60
C LYS A 137 -13.18 4.06 25.13
N ARG A 138 -14.37 4.70 25.07
CA ARG A 138 -14.51 6.10 25.51
C ARG A 138 -13.97 6.37 26.92
N ASP A 139 -14.43 5.59 27.93
CA ASP A 139 -14.03 5.75 29.33
C ASP A 139 -12.52 5.65 29.52
N TRP A 140 -11.88 4.65 28.89
CA TRP A 140 -10.44 4.48 28.96
C TRP A 140 -9.75 5.66 28.31
N LEU A 141 -10.24 6.12 27.12
CA LEU A 141 -9.66 7.27 26.39
C LEU A 141 -9.75 8.54 27.19
N VAL A 142 -10.87 8.75 27.88
CA VAL A 142 -11.08 9.90 28.73
C VAL A 142 -10.14 9.81 29.94
N LYS A 143 -9.99 8.62 30.57
CA LYS A 143 -9.08 8.48 31.73
C LYS A 143 -7.62 8.79 31.35
N GLN A 144 -7.23 8.44 30.13
CA GLN A 144 -5.91 8.69 29.59
C GLN A 144 -5.70 10.09 29.04
N ARG A 145 -6.73 10.96 29.08
CA ARG A 145 -6.68 12.35 28.53
C ARG A 145 -6.49 12.32 27.00
N GLY A 146 -7.16 11.36 26.35
CA GLY A 146 -7.19 11.20 24.91
C GLY A 146 -5.85 11.23 24.21
N TRP A 147 -5.73 12.08 23.19
CA TRP A 147 -4.52 12.18 22.40
C TRP A 147 -3.31 12.75 23.19
N ASP A 148 -3.56 13.50 24.32
CA ASP A 148 -2.49 13.98 25.19
C ASP A 148 -1.75 12.78 25.80
N GLY A 149 -2.50 11.79 26.32
CA GLY A 149 -1.94 10.57 26.91
C GLY A 149 -1.14 9.74 25.91
N PHE A 150 -1.64 9.67 24.67
CA PHE A 150 -1.01 8.98 23.56
C PHE A 150 0.36 9.62 23.22
N VAL A 151 0.41 10.97 23.07
CA VAL A 151 1.63 11.72 22.78
C VAL A 151 2.65 11.46 23.92
N GLU A 152 2.19 11.57 25.17
CA GLU A 152 3.03 11.33 26.34
C GLU A 152 3.55 9.89 26.44
N PHE A 153 2.71 8.93 26.12
CA PHE A 153 3.09 7.53 26.19
C PHE A 153 4.29 7.19 25.29
N PHE A 154 4.26 7.68 24.05
CA PHE A 154 5.29 7.38 23.06
C PHE A 154 6.37 8.43 22.96
N HIS A 155 6.40 9.38 23.89
CA HIS A 155 7.36 10.47 23.91
C HIS A 155 8.79 9.97 24.01
N VAL A 156 9.66 10.46 23.11
CA VAL A 156 11.08 10.14 23.11
C VAL A 156 11.81 11.42 23.58
N GLU A 157 12.63 11.29 24.65
CA GLU A 157 13.38 12.39 25.27
C GLU A 157 14.29 13.16 24.33
N ASP B 8 10.24 7.61 -0.87
CA ASP B 8 11.71 7.58 -0.85
C ASP B 8 12.27 6.65 -1.94
N LEU B 9 11.81 5.38 -1.96
CA LEU B 9 12.17 4.42 -2.99
C LEU B 9 11.12 4.38 -4.11
N TYR B 10 10.03 5.17 -3.97
CA TYR B 10 8.96 5.27 -4.97
C TYR B 10 9.50 6.02 -6.19
N ARG B 11 10.15 7.18 -5.95
CA ARG B 11 10.75 8.04 -6.96
C ARG B 11 11.89 7.30 -7.67
N GLN B 12 12.56 6.37 -6.95
CA GLN B 12 13.65 5.53 -7.44
C GLN B 12 13.09 4.37 -8.29
N SER B 13 12.03 3.70 -7.79
CA SER B 13 11.37 2.58 -8.48
C SER B 13 10.67 3.02 -9.77
N LEU B 14 9.88 4.12 -9.71
CA LEU B 14 9.18 4.67 -10.87
C LEU B 14 10.17 5.05 -12.00
N GLU B 15 11.32 5.67 -11.65
CA GLU B 15 12.38 6.06 -12.59
C GLU B 15 12.87 4.83 -13.38
N ILE B 16 13.06 3.68 -12.67
CA ILE B 16 13.52 2.41 -13.25
C ILE B 16 12.41 1.72 -14.07
N ILE B 17 11.22 1.49 -13.46
CA ILE B 17 10.09 0.81 -14.12
C ILE B 17 9.59 1.61 -15.35
N SER B 18 9.56 2.97 -15.28
CA SER B 18 9.12 3.80 -16.41
C SER B 18 10.10 3.75 -17.57
N ARG B 19 11.42 3.89 -17.30
CA ARG B 19 12.48 3.86 -18.33
C ARG B 19 12.50 2.56 -19.14
N TYR B 20 12.23 1.41 -18.47
CA TYR B 20 12.19 0.09 -19.09
C TYR B 20 10.94 -0.06 -19.96
N LEU B 21 9.76 0.20 -19.37
CA LEU B 21 8.46 0.14 -20.06
C LEU B 21 8.40 1.05 -21.30
N ARG B 22 9.04 2.24 -21.22
CA ARG B 22 9.09 3.21 -22.31
C ARG B 22 9.99 2.70 -23.45
N GLU B 23 11.21 2.19 -23.15
CA GLU B 23 12.12 1.69 -24.17
C GLU B 23 11.73 0.30 -24.71
N GLN B 24 10.83 -0.43 -24.01
CA GLN B 24 10.39 -1.75 -24.48
C GLN B 24 9.41 -1.62 -25.63
N ALA B 25 8.44 -0.69 -25.51
CA ALA B 25 7.41 -0.43 -26.54
C ALA B 25 8.01 0.16 -27.83
N THR B 26 8.75 1.30 -27.70
CA THR B 26 9.40 2.02 -28.79
C THR B 26 10.52 1.22 -29.47
N GLY B 27 11.42 0.67 -28.65
CA GLY B 27 12.57 -0.10 -29.11
C GLY B 27 13.84 0.74 -29.14
N ARG B 42 21.59 3.86 -14.20
CA ARG B 42 21.12 2.82 -15.10
C ARG B 42 21.59 1.40 -14.70
N ARG B 43 21.94 1.20 -13.41
CA ARG B 43 22.42 -0.06 -12.83
C ARG B 43 21.31 -1.10 -12.77
N ALA B 44 20.23 -0.81 -12.03
CA ALA B 44 19.06 -1.70 -11.90
C ALA B 44 18.34 -1.81 -13.22
N LEU B 45 18.51 -0.80 -14.11
CA LEU B 45 17.93 -0.77 -15.44
C LEU B 45 18.61 -1.79 -16.37
N GLU B 46 19.97 -1.80 -16.40
CA GLU B 46 20.77 -2.72 -17.22
C GLU B 46 20.47 -4.19 -16.86
N THR B 47 20.32 -4.48 -15.55
CA THR B 47 19.98 -5.81 -15.02
C THR B 47 18.59 -6.26 -15.55
N LEU B 48 17.61 -5.32 -15.56
CA LEU B 48 16.24 -5.54 -16.01
C LEU B 48 16.19 -5.82 -17.52
N ARG B 49 17.00 -5.12 -18.35
CA ARG B 49 17.08 -5.32 -19.80
C ARG B 49 17.58 -6.74 -20.10
N ARG B 50 18.60 -7.20 -19.33
CA ARG B 50 19.23 -8.50 -19.45
C ARG B 50 18.29 -9.65 -19.08
N VAL B 51 17.60 -9.54 -17.91
CA VAL B 51 16.75 -10.63 -17.45
C VAL B 51 15.30 -10.54 -18.00
N GLY B 52 14.76 -9.34 -18.06
CA GLY B 52 13.38 -9.05 -18.49
C GLY B 52 12.96 -9.69 -19.80
N ASP B 53 13.83 -9.63 -20.83
CA ASP B 53 13.56 -10.20 -22.15
C ASP B 53 13.48 -11.73 -22.11
N GLY B 54 14.22 -12.33 -21.19
CA GLY B 54 14.20 -13.77 -20.96
C GLY B 54 12.89 -14.18 -20.32
N VAL B 55 12.50 -13.47 -19.24
CA VAL B 55 11.24 -13.71 -18.50
C VAL B 55 10.03 -13.44 -19.40
N GLN B 56 10.11 -12.41 -20.25
CA GLN B 56 9.03 -12.09 -21.19
C GLN B 56 8.76 -13.27 -22.13
N ARG B 57 9.83 -13.85 -22.71
CA ARG B 57 9.72 -15.03 -23.58
C ARG B 57 9.26 -16.24 -22.76
N ASN B 58 9.80 -16.39 -21.55
CA ASN B 58 9.44 -17.45 -20.62
C ASN B 58 7.94 -17.49 -20.30
N HIS B 59 7.32 -16.31 -20.06
CA HIS B 59 5.90 -16.22 -19.71
C HIS B 59 5.00 -15.72 -20.85
N GLU B 60 5.50 -15.73 -22.08
CA GLU B 60 4.81 -15.27 -23.29
C GLU B 60 3.38 -15.82 -23.44
N THR B 61 3.19 -17.14 -23.26
CA THR B 61 1.89 -17.80 -23.34
C THR B 61 0.94 -17.31 -22.24
N ALA B 62 1.42 -17.28 -20.98
CA ALA B 62 0.68 -16.82 -19.82
C ALA B 62 0.28 -15.34 -19.96
N PHE B 63 1.22 -14.48 -20.45
CA PHE B 63 1.01 -13.04 -20.66
C PHE B 63 -0.07 -12.79 -21.71
N GLN B 64 0.00 -13.56 -22.82
CA GLN B 64 -0.95 -13.60 -23.92
C GLN B 64 -2.29 -14.03 -23.36
N GLY B 65 -2.27 -15.07 -22.53
CA GLY B 65 -3.47 -15.60 -21.86
C GLY B 65 -4.12 -14.59 -20.95
N MET B 66 -3.31 -13.72 -20.30
CA MET B 66 -3.75 -12.66 -19.39
C MET B 66 -4.33 -11.45 -20.13
N LEU B 67 -3.64 -11.01 -21.21
CA LEU B 67 -4.06 -9.89 -22.05
C LEU B 67 -5.36 -10.24 -22.78
N ARG B 68 -5.58 -11.55 -23.07
CA ARG B 68 -6.79 -12.10 -23.71
C ARG B 68 -7.97 -11.90 -22.74
N LYS B 69 -7.81 -12.38 -21.47
CA LYS B 69 -8.80 -12.29 -20.38
C LYS B 69 -9.15 -10.83 -20.03
N LEU B 70 -8.12 -9.95 -19.98
CA LEU B 70 -8.25 -8.53 -19.65
C LEU B 70 -8.70 -7.69 -20.86
N ASP B 71 -9.28 -6.50 -20.59
CA ASP B 71 -9.72 -5.59 -21.66
C ASP B 71 -8.50 -4.89 -22.28
N ILE B 72 -7.95 -3.88 -21.56
CA ILE B 72 -6.79 -3.05 -21.92
C ILE B 72 -6.98 -2.47 -23.34
N LYS B 73 -7.88 -1.47 -23.42
CA LYS B 73 -8.28 -0.74 -24.62
C LYS B 73 -8.08 0.77 -24.41
N ASN B 74 -8.01 1.21 -23.14
CA ASN B 74 -7.84 2.62 -22.73
C ASN B 74 -7.18 2.78 -21.35
N GLU B 75 -6.96 4.05 -20.92
CA GLU B 75 -6.36 4.43 -19.64
C GLU B 75 -7.11 3.87 -18.43
N ASP B 76 -8.47 3.88 -18.48
CA ASP B 76 -9.32 3.34 -17.40
C ASP B 76 -9.08 1.83 -17.21
N ASP B 77 -8.86 1.09 -18.33
CA ASP B 77 -8.54 -0.35 -18.30
C ASP B 77 -7.13 -0.56 -17.71
N VAL B 78 -6.21 0.39 -17.96
CA VAL B 78 -4.82 0.40 -17.49
C VAL B 78 -4.78 0.68 -15.97
N LYS B 79 -5.62 1.63 -15.51
CA LYS B 79 -5.73 2.00 -14.09
C LYS B 79 -6.29 0.83 -13.26
N SER B 80 -7.22 0.06 -13.85
CA SER B 80 -7.90 -1.09 -13.24
C SER B 80 -7.02 -2.36 -13.12
N LEU B 81 -5.91 -2.40 -13.86
CA LEU B 81 -4.98 -3.51 -13.89
C LEU B 81 -4.40 -3.90 -12.52
N SER B 82 -4.29 -2.93 -11.59
CA SER B 82 -3.76 -3.14 -10.24
C SER B 82 -4.55 -4.19 -9.44
N ARG B 83 -5.84 -4.35 -9.77
CA ARG B 83 -6.76 -5.33 -9.19
C ARG B 83 -6.35 -6.77 -9.55
N VAL B 84 -5.63 -6.95 -10.67
CA VAL B 84 -5.05 -8.22 -11.11
C VAL B 84 -3.64 -8.30 -10.54
N MET B 85 -2.85 -7.22 -10.69
CA MET B 85 -1.42 -7.19 -10.25
C MET B 85 -1.19 -7.53 -8.80
N ILE B 86 -2.17 -7.25 -7.96
CA ILE B 86 -2.10 -7.55 -6.53
C ILE B 86 -2.00 -9.09 -6.29
N HIS B 87 -2.45 -9.91 -7.25
CA HIS B 87 -2.44 -11.36 -7.10
C HIS B 87 -1.06 -12.01 -7.41
N VAL B 88 -0.04 -11.20 -7.74
CA VAL B 88 1.33 -11.68 -7.93
C VAL B 88 1.95 -11.93 -6.53
N PHE B 89 1.33 -11.36 -5.46
CA PHE B 89 1.75 -11.45 -4.07
C PHE B 89 0.66 -11.88 -3.09
N SER B 90 -0.58 -12.08 -3.57
CA SER B 90 -1.74 -12.42 -2.72
C SER B 90 -1.56 -13.68 -1.86
N ASP B 91 -0.92 -14.73 -2.40
CA ASP B 91 -0.67 -16.01 -1.71
C ASP B 91 0.23 -15.88 -0.44
N GLY B 92 1.00 -14.79 -0.37
CA GLY B 92 1.89 -14.50 0.74
C GLY B 92 3.35 -14.56 0.40
N VAL B 93 3.71 -15.19 -0.74
CA VAL B 93 5.14 -15.27 -1.06
C VAL B 93 5.56 -14.08 -1.93
N THR B 94 6.79 -13.61 -1.68
CA THR B 94 7.47 -12.51 -2.34
C THR B 94 8.90 -12.91 -2.56
N ASN B 95 9.36 -12.73 -3.78
CA ASN B 95 10.73 -12.99 -4.22
C ASN B 95 10.96 -12.13 -5.45
N TRP B 96 12.22 -12.01 -5.89
CA TRP B 96 12.53 -11.20 -7.07
C TRP B 96 11.99 -11.82 -8.36
N GLY B 97 11.79 -13.16 -8.38
CA GLY B 97 11.22 -13.89 -9.50
C GLY B 97 9.80 -13.40 -9.79
N ARG B 98 8.95 -13.28 -8.74
CA ARG B 98 7.58 -12.77 -8.86
C ARG B 98 7.59 -11.32 -9.34
N ILE B 99 8.53 -10.50 -8.80
CA ILE B 99 8.67 -9.07 -9.10
C ILE B 99 9.11 -8.86 -10.53
N VAL B 100 10.09 -9.65 -11.02
CA VAL B 100 10.56 -9.59 -12.42
C VAL B 100 9.42 -9.94 -13.38
N THR B 101 8.64 -11.02 -13.09
CA THR B 101 7.47 -11.46 -13.87
C THR B 101 6.46 -10.28 -13.96
N LEU B 102 6.27 -9.53 -12.85
CA LEU B 102 5.39 -8.38 -12.78
C LEU B 102 5.85 -7.22 -13.67
N ILE B 103 7.11 -6.80 -13.50
CA ILE B 103 7.73 -5.73 -14.27
C ILE B 103 7.79 -6.11 -15.76
N SER B 104 8.01 -7.42 -16.09
CA SER B 104 8.04 -7.92 -17.48
C SER B 104 6.64 -7.87 -18.07
N PHE B 105 5.62 -8.21 -17.27
CA PHE B 105 4.21 -8.14 -17.71
C PHE B 105 3.84 -6.69 -18.07
N GLY B 106 4.40 -5.72 -17.33
CA GLY B 106 4.22 -4.30 -17.63
C GLY B 106 4.86 -3.91 -18.96
N ALA B 107 6.03 -4.48 -19.25
CA ALA B 107 6.77 -4.29 -20.51
C ALA B 107 5.98 -4.86 -21.69
N PHE B 108 5.29 -6.00 -21.47
CA PHE B 108 4.42 -6.69 -22.44
C PHE B 108 3.15 -5.88 -22.69
N VAL B 109 2.59 -5.25 -21.64
CA VAL B 109 1.38 -4.45 -21.80
C VAL B 109 1.74 -3.14 -22.51
N ALA B 110 2.94 -2.59 -22.23
CA ALA B 110 3.39 -1.34 -22.84
C ALA B 110 3.55 -1.51 -24.35
N LYS B 111 4.04 -2.70 -24.77
CA LYS B 111 4.21 -3.07 -26.18
C LYS B 111 2.85 -3.22 -26.85
N HIS B 112 1.83 -3.74 -26.11
CA HIS B 112 0.45 -3.86 -26.63
C HIS B 112 -0.19 -2.49 -26.81
N LEU B 113 0.02 -1.56 -25.86
CA LEU B 113 -0.55 -0.21 -25.92
C LEU B 113 -0.03 0.58 -27.14
N LYS B 114 1.29 0.45 -27.43
CA LYS B 114 1.98 1.08 -28.57
C LYS B 114 1.39 0.64 -29.91
N THR B 115 1.05 -0.66 -30.04
CA THR B 115 0.47 -1.26 -31.25
C THR B 115 -0.96 -0.76 -31.50
N ILE B 116 -1.68 -0.38 -30.43
CA ILE B 116 -3.05 0.13 -30.52
C ILE B 116 -3.10 1.66 -30.30
N ASN B 117 -2.02 2.39 -30.71
CA ASN B 117 -1.88 3.85 -30.66
C ASN B 117 -2.18 4.49 -29.29
N GLN B 118 -1.68 3.85 -28.20
CA GLN B 118 -1.94 4.36 -26.84
C GLN B 118 -0.71 4.42 -25.94
N GLU B 119 0.40 4.97 -26.48
CA GLU B 119 1.67 5.14 -25.77
C GLU B 119 1.57 6.05 -24.52
N SER B 120 0.54 6.93 -24.49
CA SER B 120 0.24 7.86 -23.38
C SER B 120 -0.22 7.12 -22.10
N CYS B 121 -0.60 5.83 -22.23
CA CYS B 121 -1.06 4.96 -21.14
C CYS B 121 0.10 4.24 -20.42
N ILE B 122 1.31 4.26 -21.01
CA ILE B 122 2.51 3.61 -20.47
C ILE B 122 2.95 4.26 -19.14
N GLU B 123 2.81 5.60 -19.03
CA GLU B 123 3.17 6.33 -17.81
C GLU B 123 2.27 5.92 -16.62
N PRO B 124 0.90 5.96 -16.72
CA PRO B 124 0.09 5.45 -15.59
C PRO B 124 0.29 3.96 -15.32
N LEU B 125 0.67 3.18 -16.35
CA LEU B 125 0.95 1.74 -16.21
C LEU B 125 2.17 1.56 -15.31
N ALA B 126 3.27 2.28 -15.62
CA ALA B 126 4.50 2.24 -14.83
C ALA B 126 4.21 2.67 -13.39
N GLU B 127 3.34 3.69 -13.23
CA GLU B 127 2.89 4.23 -11.95
C GLU B 127 2.12 3.20 -11.12
N SER B 128 1.19 2.45 -11.74
CA SER B 128 0.44 1.45 -11.00
C SER B 128 1.30 0.25 -10.62
N ILE B 129 2.30 -0.12 -11.47
CA ILE B 129 3.23 -1.21 -11.17
C ILE B 129 4.09 -0.78 -9.99
N THR B 130 4.62 0.45 -10.05
CA THR B 130 5.42 1.03 -8.97
C THR B 130 4.61 1.03 -7.69
N ASP B 131 3.32 1.43 -7.76
CA ASP B 131 2.36 1.44 -6.64
C ASP B 131 2.18 0.05 -6.05
N VAL B 132 1.85 -0.96 -6.88
CA VAL B 132 1.70 -2.36 -6.43
C VAL B 132 2.99 -2.85 -5.72
N LEU B 133 4.17 -2.49 -6.24
CA LEU B 133 5.45 -2.88 -5.63
C LEU B 133 5.79 -2.13 -4.34
N VAL B 134 5.99 -0.80 -4.44
CA VAL B 134 6.41 0.06 -3.33
C VAL B 134 5.35 0.17 -2.22
N ARG B 135 4.06 0.40 -2.57
CA ARG B 135 3.00 0.56 -1.57
C ARG B 135 2.67 -0.68 -0.77
N THR B 136 2.76 -1.88 -1.36
CA THR B 136 2.36 -3.02 -0.55
C THR B 136 3.58 -3.82 -0.04
N LYS B 137 4.68 -3.84 -0.81
CA LYS B 137 5.89 -4.58 -0.42
C LYS B 137 7.07 -3.67 0.00
N ARG B 138 6.80 -2.61 0.79
CA ARG B 138 7.85 -1.71 1.29
C ARG B 138 8.86 -2.37 2.27
N ASP B 139 8.35 -3.09 3.30
CA ASP B 139 9.16 -3.75 4.34
C ASP B 139 10.04 -4.88 3.78
N TRP B 140 9.56 -5.61 2.75
CA TRP B 140 10.34 -6.66 2.11
C TRP B 140 11.41 -6.01 1.26
N LEU B 141 11.10 -4.88 0.59
CA LEU B 141 12.06 -4.16 -0.26
C LEU B 141 13.17 -3.54 0.59
N VAL B 142 12.81 -2.88 1.70
CA VAL B 142 13.73 -2.25 2.64
C VAL B 142 14.70 -3.29 3.24
N LYS B 143 14.20 -4.50 3.59
CA LYS B 143 15.04 -5.60 4.12
C LYS B 143 16.01 -6.17 3.08
N GLN B 144 15.67 -6.08 1.77
CA GLN B 144 16.50 -6.54 0.64
C GLN B 144 17.47 -5.42 0.21
N ARG B 145 17.48 -4.29 0.95
CA ARG B 145 18.22 -3.06 0.67
C ARG B 145 17.83 -2.45 -0.70
N GLY B 146 16.52 -2.49 -0.99
CA GLY B 146 15.91 -1.96 -2.22
C GLY B 146 16.31 -2.68 -3.48
N TRP B 147 16.63 -1.90 -4.54
CA TRP B 147 17.05 -2.38 -5.85
C TRP B 147 18.45 -3.03 -5.90
N ASP B 148 19.29 -2.87 -4.84
CA ASP B 148 20.59 -3.56 -4.89
C ASP B 148 20.42 -5.05 -4.57
N GLY B 149 19.33 -5.40 -3.87
CA GLY B 149 18.97 -6.79 -3.58
C GLY B 149 18.51 -7.49 -4.86
N PHE B 150 17.94 -6.69 -5.80
CA PHE B 150 17.50 -7.12 -7.11
C PHE B 150 18.74 -7.32 -7.99
N VAL B 151 19.62 -6.28 -8.10
CA VAL B 151 20.87 -6.33 -8.91
C VAL B 151 21.74 -7.53 -8.48
N GLU B 152 21.81 -7.73 -7.16
CA GLU B 152 22.56 -8.82 -6.56
C GLU B 152 21.91 -10.18 -6.72
N PHE B 153 20.57 -10.21 -6.90
CA PHE B 153 19.85 -11.46 -7.12
C PHE B 153 20.20 -12.04 -8.50
N PHE B 154 20.33 -11.15 -9.51
CA PHE B 154 20.70 -11.50 -10.88
C PHE B 154 22.14 -11.13 -11.28
N HIS B 155 23.06 -10.95 -10.32
CA HIS B 155 24.46 -10.56 -10.61
C HIS B 155 25.20 -11.56 -11.51
N VAL B 156 25.98 -11.02 -12.48
CA VAL B 156 26.76 -11.78 -13.47
C VAL B 156 28.27 -11.49 -13.40
N GLU B 157 29.08 -12.54 -13.23
CA GLU B 157 30.54 -12.42 -13.16
C GLU B 157 31.21 -13.05 -14.37
NA NA C . -21.08 6.14 -0.31
C1 6XJ D . -10.22 -12.11 14.02
C2 6XJ D . -8.83 -12.33 14.58
C3 6XJ D . -7.94 -11.09 14.39
C7 6XJ D . -5.71 -7.23 15.38
C8 6XJ D . -6.35 -6.26 14.63
C9 6XJ D . -7.64 -6.49 14.18
C10 6XJ D . -8.30 -7.68 14.50
C11 6XJ D . -5.84 -12.03 13.49
C12 6XJ D . -4.38 -12.32 13.74
C13 6XJ D . -2.89 -10.57 14.71
C14 6XJ D . -3.37 -9.52 13.92
C15 6XJ D . -2.63 -8.36 13.80
C16 6XJ D . -1.42 -8.23 14.46
C19 6XJ D . -1.10 -11.51 16.30
C20 6XJ D . -1.93 -11.73 17.58
C21 6XJ D . -3.43 -11.50 17.35
C22 6XJ D . -3.90 -12.33 16.11
C24 6XJ D . -6.37 -11.97 19.71
C27 6XJ D . -5.47 -9.23 20.52
C30 6XJ D . -3.13 -8.27 19.40
C31 6XJ D . -3.06 -9.12 20.49
C32 6XJ D . -4.24 -9.60 21.04
BR 6XJ D . -1.51 -7.68 18.59
C29 6XJ D . -4.33 -7.88 18.87
C28 6XJ D . -5.51 -8.35 19.44
C26 6XJ D . -6.75 -9.84 21.04
C25 6XJ D . -7.36 -10.85 20.06
N4 6XJ D . -8.65 -11.36 20.53
C23 6XJ D . -5.59 -11.64 18.46
O3 6XJ D . -6.16 -11.19 17.47
N3 6XJ D . -4.26 -11.81 18.51
C18 6XJ D . -1.66 -10.46 15.38
C17 6XJ D . -0.94 -9.27 15.24
O2 6XJ D . -4.38 -13.44 16.22
N2 6XJ D . -3.71 -11.73 14.89
O1 6XJ D . -6.33 -12.29 12.40
N1 6XJ D . -6.54 -11.51 14.51
O 6XJ D . -10.38 -11.67 12.88
N 6XJ D . -11.22 -12.45 14.81
C 6XJ D . -12.61 -12.42 14.36
C4 6XJ D . -8.31 -10.01 15.42
C5 6XJ D . -7.65 -8.67 15.22
CL 6XJ D . -8.42 -5.35 13.14
CL1 6XJ D . -5.53 -4.80 14.18
C6 6XJ D . -6.35 -8.43 15.66
C1 6XJ E . -5.47 -14.01 -11.15
C2 6XJ E . -4.29 -14.91 -11.41
C3 6XJ E . -3.15 -14.15 -12.12
C7 6XJ E . 1.28 -12.85 -12.28
C8 6XJ E . 1.18 -11.58 -12.83
C9 6XJ E . -0.03 -10.90 -12.74
C10 6XJ E . -1.13 -11.50 -12.15
C11 6XJ E . -2.73 -15.43 -14.19
C12 6XJ E . -1.88 -16.52 -14.84
C13 6XJ E . 0.56 -16.68 -14.46
C14 6XJ E . 0.80 -15.36 -14.84
C15 6XJ E . 2.06 -14.96 -15.24
C16 6XJ E . 3.09 -15.88 -15.29
C19 6XJ E . 1.53 -19.03 -13.97
C20 6XJ E . 1.15 -19.18 -12.48
C21 6XJ E . 0.10 -18.15 -12.03
C22 6XJ E . -1.04 -17.91 -13.04
C24 6XJ E . -1.55 -17.98 -8.60
C27 6XJ E . 1.28 -16.70 -8.02
C30 6XJ E . 3.13 -16.04 -9.98
C31 6XJ E . 2.97 -17.36 -9.61
C32 6XJ E . 2.05 -17.69 -8.62
BR 6XJ E . 4.44 -15.59 -11.27
C29 6XJ E . 2.39 -15.05 -9.39
C28 6XJ E . 1.47 -15.37 -8.40
C26 6XJ E . 0.22 -17.06 -7.01
C25 6XJ E . -1.22 -16.92 -7.53
N4 6XJ E . -2.18 -16.95 -6.43
C23 6XJ E . -1.12 -17.56 -9.99
O3 6XJ E . -1.33 -16.41 -10.40
N3 6XJ E . -0.48 -18.46 -10.73
C18 6XJ E . 1.61 -17.61 -14.47
C17 6XJ E . 2.86 -17.19 -14.92
O2 6XJ E . -2.13 -18.44 -12.90
N2 6XJ E . -0.76 -17.07 -14.08
O1 6XJ E . -3.70 -14.95 -14.78
N1 6XJ E . -2.37 -15.06 -12.96
O 6XJ E . -5.87 -13.20 -11.98
N 6XJ E . -6.06 -14.16 -9.97
C 6XJ E . -7.29 -13.46 -9.60
C4 6XJ E . -2.26 -13.46 -11.07
C5 6XJ E . -1.05 -12.79 -11.65
CL 6XJ E . -0.17 -9.29 -13.34
CL1 6XJ E . 2.51 -10.91 -13.68
C6 6XJ E . 0.18 -13.45 -11.71
#